data_5L36
#
_entry.id   5L36
#
_cell.length_a   127.267
_cell.length_b   127.267
_cell.length_c   206.262
_cell.angle_alpha   90.000
_cell.angle_beta   90.000
_cell.angle_gamma   120.000
#
_symmetry.space_group_name_H-M   'H 3 2'
#
loop_
_entity.id
_entity.type
_entity.pdbx_description
1 polymer 'Tumor necrosis factor receptor superfamily member 6B'
2 polymer 'Tumor necrosis factor ligand superfamily member 6'
3 non-polymer 'SODIUM ION'
4 water water
#
loop_
_entity_poly.entity_id
_entity_poly.type
_entity_poly.pdbx_seq_one_letter_code
_entity_poly.pdbx_strand_id
1 'polypeptide(L)'
;VAETPTYPWRDAETGERLVCAQCPPGTFVQRPCRRDSPTTCGPCPPRHYTQFWNYLERCRYCNVLCGEREEEARACHATH
NRACRCRTGFFAHAGFCLEHASCPPGAGVIAPGTPSQNTQCQPCPPGTFSASSSSSEQCQPHRNCTALGLALNVPGSSSH
DTLCTSTGHHHHHH
;
B
2 'polypeptide(L)'
;MQIGHPSPPPEKKELRKVAHLTGKSNSRSMPLEWEHELGLALLSGVKYKKGGLVINETGLYFVYSKVYFRGQSCNNLPLS
HKVYMRNSKYPQDLVMMEGKMMSYCTTGQMWARSSYLGAVFNLTSADHLYVNVSELSLVNFEESQTFFGLYKL
;
A
#
loop_
_chem_comp.id
_chem_comp.type
_chem_comp.name
_chem_comp.formula
NA non-polymer 'SODIUM ION' 'Na 1'
#
# COMPACT_ATOMS: atom_id res chain seq x y z
N THR A 4 -18.29 -11.16 21.67
CA THR A 4 -18.77 -10.81 20.28
C THR A 4 -18.99 -9.29 20.13
N PRO A 5 -18.24 -8.63 19.19
CA PRO A 5 -18.39 -7.19 19.04
C PRO A 5 -19.62 -6.87 18.24
N THR A 6 -20.11 -5.66 18.46
CA THR A 6 -21.43 -5.27 18.05
C THR A 6 -21.36 -4.06 17.08
N TYR A 7 -22.49 -3.48 16.72
CA TYR A 7 -22.50 -2.28 15.92
C TYR A 7 -23.85 -1.69 15.94
N PRO A 8 -23.94 -0.36 15.90
CA PRO A 8 -25.23 0.31 15.95
C PRO A 8 -25.91 0.28 14.61
N TRP A 9 -27.23 0.28 14.60
CA TRP A 9 -27.98 0.27 13.36
C TRP A 9 -29.35 0.85 13.55
N ARG A 10 -29.59 2.00 12.91
CA ARG A 10 -30.96 2.45 12.69
C ARG A 10 -31.62 1.49 11.72
N ASP A 11 -32.79 1.01 12.10
CA ASP A 11 -33.69 0.39 11.13
C ASP A 11 -34.00 1.42 9.98
N ALA A 12 -33.75 1.03 8.73
CA ALA A 12 -34.21 1.84 7.58
C ALA A 12 -35.74 1.70 7.37
N GLU A 13 -36.40 0.83 8.15
CA GLU A 13 -37.86 0.73 8.25
C GLU A 13 -38.51 1.65 9.31
N THR A 14 -38.19 1.45 10.59
CA THR A 14 -38.71 2.26 11.72
C THR A 14 -37.79 3.40 12.19
N GLY A 15 -36.65 3.63 11.54
CA GLY A 15 -35.64 4.58 12.06
C GLY A 15 -35.08 4.21 13.43
N GLU A 16 -35.48 3.05 13.95
CA GLU A 16 -35.33 2.68 15.37
C GLU A 16 -33.92 2.12 15.65
N ARG A 17 -33.29 2.66 16.70
CA ARG A 17 -31.91 2.31 17.08
C ARG A 17 -31.77 0.88 17.60
N LEU A 18 -30.94 0.09 16.94
CA LEU A 18 -30.63 -1.26 17.37
C LEU A 18 -29.16 -1.37 17.66
N VAL A 19 -28.81 -2.43 18.39
CA VAL A 19 -27.43 -2.87 18.50
C VAL A 19 -27.37 -4.22 17.81
N CYS A 20 -26.68 -4.26 16.68
CA CYS A 20 -26.52 -5.47 15.92
C CYS A 20 -25.18 -6.09 16.25
N ALA A 21 -25.00 -7.31 15.79
CA ALA A 21 -23.82 -8.07 16.07
C ALA A 21 -23.10 -8.25 14.77
N GLN A 22 -21.77 -8.19 14.85
CA GLN A 22 -20.95 -8.23 13.65
C GLN A 22 -20.72 -9.59 13.12
N CYS A 23 -20.78 -9.71 11.81
CA CYS A 23 -20.29 -10.89 11.15
C CYS A 23 -18.81 -11.21 11.39
N PRO A 24 -18.49 -12.51 11.51
CA PRO A 24 -17.14 -12.90 11.77
C PRO A 24 -16.24 -12.93 10.50
N PRO A 25 -14.95 -13.18 10.67
CA PRO A 25 -14.13 -13.46 9.51
C PRO A 25 -14.67 -14.59 8.67
N GLY A 26 -14.72 -14.39 7.37
CA GLY A 26 -15.19 -15.40 6.41
C GLY A 26 -16.60 -15.15 5.93
N THR A 27 -17.21 -14.13 6.53
CA THR A 27 -18.60 -13.79 6.33
C THR A 27 -18.77 -12.25 6.27
N PHE A 28 -19.97 -11.87 5.85
CA PHE A 28 -20.34 -10.46 5.74
C PHE A 28 -21.79 -10.33 6.07
N VAL A 29 -22.21 -9.10 6.35
CA VAL A 29 -23.61 -8.88 6.69
C VAL A 29 -24.50 -9.06 5.47
N GLN A 30 -25.50 -9.91 5.62
CA GLN A 30 -26.41 -10.23 4.55
C GLN A 30 -27.80 -9.74 4.81
N ARG A 31 -28.16 -9.57 6.07
CA ARG A 31 -29.36 -8.86 6.45
C ARG A 31 -29.07 -8.31 7.81
N PRO A 32 -29.26 -7.01 8.03
CA PRO A 32 -28.99 -6.46 9.35
C PRO A 32 -29.99 -6.92 10.40
N CYS A 33 -29.60 -6.84 11.67
CA CYS A 33 -30.49 -7.24 12.76
C CYS A 33 -31.61 -6.25 12.78
N ARG A 34 -32.83 -6.74 13.02
CA ARG A 34 -33.97 -5.86 13.31
C ARG A 34 -34.51 -6.24 14.71
N ARG A 35 -35.67 -5.69 15.06
CA ARG A 35 -36.25 -5.87 16.39
C ARG A 35 -36.44 -7.34 16.74
N ASP A 36 -36.95 -8.09 15.77
CA ASP A 36 -37.35 -9.48 15.97
C ASP A 36 -36.30 -10.52 15.60
N SER A 37 -35.09 -10.09 15.20
CA SER A 37 -34.03 -11.05 14.86
C SER A 37 -32.61 -10.50 14.95
N PRO A 38 -31.61 -11.40 15.07
CA PRO A 38 -30.24 -10.92 15.08
C PRO A 38 -29.71 -10.77 13.65
N THR A 39 -28.46 -10.36 13.56
CA THR A 39 -27.85 -10.18 12.27
C THR A 39 -27.76 -11.54 11.58
N THR A 40 -27.95 -11.52 10.27
CA THR A 40 -27.66 -12.67 9.42
C THR A 40 -26.40 -12.47 8.59
N CYS A 41 -25.45 -13.38 8.72
CA CYS A 41 -24.19 -13.28 8.02
C CYS A 41 -24.15 -14.28 6.93
N GLY A 42 -23.53 -13.95 5.81
CA GLY A 42 -23.30 -14.91 4.74
C GLY A 42 -21.83 -15.19 4.43
N PRO A 43 -21.55 -16.33 3.81
CA PRO A 43 -20.21 -16.69 3.37
C PRO A 43 -19.57 -15.82 2.30
N CYS A 44 -18.31 -15.47 2.45
CA CYS A 44 -17.61 -14.77 1.36
C CYS A 44 -17.69 -15.61 0.11
N PRO A 45 -18.13 -15.03 -0.97
CA PRO A 45 -18.06 -15.83 -2.21
C PRO A 45 -16.64 -16.10 -2.66
N PRO A 46 -16.46 -16.85 -3.75
CA PRO A 46 -15.13 -17.01 -4.28
C PRO A 46 -14.50 -15.69 -4.63
N ARG A 47 -13.18 -15.71 -4.54
CA ARG A 47 -12.30 -14.57 -4.80
C ARG A 47 -12.55 -13.43 -3.82
N HIS A 48 -13.19 -13.72 -2.70
CA HIS A 48 -13.45 -12.70 -1.72
C HIS A 48 -13.03 -13.11 -0.34
N TYR A 49 -13.04 -12.16 0.57
CA TYR A 49 -12.57 -12.43 1.91
C TYR A 49 -13.03 -11.36 2.83
N THR A 50 -13.10 -11.70 4.09
CA THR A 50 -13.12 -10.74 5.14
C THR A 50 -12.23 -11.38 6.16
N GLN A 51 -11.38 -10.56 6.75
CA GLN A 51 -10.39 -10.98 7.67
C GLN A 51 -10.63 -10.58 9.12
N PHE A 52 -11.52 -9.64 9.37
CA PHE A 52 -11.85 -9.30 10.74
C PHE A 52 -13.32 -9.27 11.00
N TRP A 53 -13.63 -9.12 12.26
CA TRP A 53 -15.00 -8.91 12.66
C TRP A 53 -15.44 -7.64 11.95
N ASN A 54 -16.50 -7.76 11.13
CA ASN A 54 -16.92 -6.71 10.22
C ASN A 54 -18.39 -6.48 10.10
N TYR A 55 -18.86 -5.27 9.72
CA TYR A 55 -20.26 -5.09 9.22
C TYR A 55 -20.45 -4.64 7.75
N LEU A 56 -19.68 -5.27 6.89
CA LEU A 56 -19.79 -5.05 5.46
C LEU A 56 -21.01 -5.67 4.79
N GLU A 57 -21.48 -5.03 3.74
CA GLU A 57 -22.61 -5.49 2.99
C GLU A 57 -22.12 -6.29 1.81
N ARG A 58 -20.82 -6.26 1.57
CA ARG A 58 -20.20 -7.20 0.66
C ARG A 58 -18.75 -7.43 1.04
N CYS A 59 -18.32 -8.69 0.90
CA CYS A 59 -16.96 -9.11 1.14
C CYS A 59 -15.93 -8.38 0.28
N ARG A 60 -14.76 -8.15 0.83
CA ARG A 60 -13.66 -7.61 0.05
C ARG A 60 -13.15 -8.52 -1.03
N TYR A 61 -12.57 -7.92 -2.07
CA TYR A 61 -12.05 -8.66 -3.20
C TYR A 61 -10.57 -8.94 -2.97
N CYS A 62 -10.17 -10.14 -3.39
CA CYS A 62 -8.80 -10.59 -3.26
C CYS A 62 -8.00 -9.99 -4.40
N ASN A 63 -7.53 -8.79 -4.14
CA ASN A 63 -6.97 -7.94 -5.17
C ASN A 63 -5.46 -7.90 -5.23
N VAL A 64 -4.80 -8.81 -4.60
CA VAL A 64 -3.37 -8.91 -4.69
C VAL A 64 -3.19 -9.97 -5.73
N LEU A 65 -2.38 -9.74 -6.74
CA LEU A 65 -2.09 -10.80 -7.73
C LEU A 65 -0.60 -10.89 -7.76
N CYS A 66 -0.08 -12.05 -8.12
CA CYS A 66 1.37 -12.26 -8.01
C CYS A 66 2.08 -12.01 -9.33
N GLY A 67 3.14 -11.19 -9.29
CA GLY A 67 4.00 -10.91 -10.46
C GLY A 67 4.55 -12.14 -11.16
N GLU A 68 5.20 -11.92 -12.28
CA GLU A 68 5.84 -13.02 -12.93
C GLU A 68 7.00 -13.51 -12.04
N ARG A 69 7.61 -12.63 -11.23
CA ARG A 69 8.72 -13.03 -10.32
C ARG A 69 8.33 -13.35 -8.88
N GLU A 70 7.06 -13.66 -8.65
CA GLU A 70 6.58 -13.92 -7.33
C GLU A 70 5.80 -15.19 -7.34
N GLU A 71 5.63 -15.77 -6.15
CA GLU A 71 4.73 -16.90 -5.92
C GLU A 71 3.79 -16.51 -4.80
N GLU A 72 2.68 -17.24 -4.69
CA GLU A 72 1.73 -17.02 -3.60
C GLU A 72 2.33 -17.47 -2.28
N ALA A 73 2.56 -16.54 -1.37
CA ALA A 73 2.87 -16.84 0.05
C ALA A 73 1.64 -17.37 0.84
N ARG A 74 0.52 -16.69 0.76
CA ARG A 74 -0.77 -17.18 1.23
C ARG A 74 -1.64 -17.21 -0.02
N ALA A 75 -2.73 -17.96 -0.01
CA ALA A 75 -3.70 -17.86 -1.09
C ALA A 75 -4.93 -17.12 -0.64
N CYS A 76 -5.77 -16.85 -1.64
CA CYS A 76 -6.97 -16.12 -1.44
C CYS A 76 -7.82 -17.12 -0.71
N HIS A 77 -8.41 -16.69 0.39
CA HIS A 77 -9.27 -17.53 1.16
C HIS A 77 -10.32 -16.68 1.79
N ALA A 78 -11.48 -17.27 2.09
CA ALA A 78 -12.52 -16.51 2.71
C ALA A 78 -12.12 -15.72 3.96
N THR A 79 -10.99 -16.08 4.59
CA THR A 79 -10.53 -15.43 5.83
C THR A 79 -9.39 -14.45 5.65
N HIS A 80 -8.70 -14.52 4.50
CA HIS A 80 -7.63 -13.57 4.19
C HIS A 80 -7.40 -13.36 2.71
N ASN A 81 -6.90 -12.16 2.41
CA ASN A 81 -6.45 -11.84 1.07
C ASN A 81 -5.25 -12.72 0.73
N ARG A 82 -5.06 -12.98 -0.56
CA ARG A 82 -3.82 -13.54 -1.08
C ARG A 82 -2.61 -12.68 -0.75
N ALA A 83 -1.46 -13.33 -0.64
CA ALA A 83 -0.20 -12.67 -0.29
C ALA A 83 0.91 -13.30 -1.11
N CYS A 84 1.93 -12.52 -1.44
CA CYS A 84 2.92 -12.87 -2.45
C CYS A 84 4.28 -12.79 -1.86
N ARG A 85 5.23 -13.47 -2.48
CA ARG A 85 6.63 -13.19 -2.20
C ARG A 85 7.53 -13.50 -3.36
N CYS A 86 8.75 -12.99 -3.26
CA CYS A 86 9.74 -13.25 -4.28
C CYS A 86 9.96 -14.76 -4.43
N ARG A 87 9.89 -15.28 -5.64
CA ARG A 87 10.19 -16.69 -5.94
C ARG A 87 11.65 -17.01 -5.65
N THR A 88 11.95 -18.29 -5.64
CA THR A 88 13.32 -18.76 -5.41
C THR A 88 14.23 -18.02 -6.35
N GLY A 89 15.33 -17.52 -5.81
CA GLY A 89 16.32 -16.84 -6.64
C GLY A 89 16.10 -15.35 -6.72
N PHE A 90 15.12 -14.84 -5.96
CA PHE A 90 14.88 -13.43 -5.88
C PHE A 90 14.69 -12.92 -4.48
N PHE A 91 14.96 -11.63 -4.34
CA PHE A 91 14.66 -10.94 -3.13
C PHE A 91 13.87 -9.66 -3.34
N ALA A 92 12.91 -9.44 -2.46
CA ALA A 92 12.20 -8.17 -2.38
C ALA A 92 13.04 -6.92 -2.06
N HIS A 93 12.86 -5.91 -2.89
CA HIS A 93 13.38 -4.56 -2.65
C HIS A 93 12.54 -3.53 -3.41
N ALA A 94 12.25 -2.44 -2.71
CA ALA A 94 11.37 -1.37 -3.17
C ALA A 94 10.18 -1.84 -3.98
N GLY A 95 9.50 -2.87 -3.52
CA GLY A 95 8.34 -3.39 -4.22
C GLY A 95 8.65 -4.23 -5.45
N PHE A 96 9.93 -4.35 -5.83
CA PHE A 96 10.34 -5.25 -6.91
C PHE A 96 10.97 -6.50 -6.36
N CYS A 97 11.09 -7.47 -7.26
CA CYS A 97 11.70 -8.74 -7.01
C CYS A 97 12.97 -8.82 -7.84
N LEU A 98 14.13 -8.75 -7.19
CA LEU A 98 15.42 -8.66 -7.87
C LEU A 98 16.12 -9.98 -7.74
N GLU A 99 16.91 -10.30 -8.74
CA GLU A 99 17.79 -11.45 -8.75
C GLU A 99 18.86 -11.35 -7.68
N HIS A 100 19.13 -12.46 -7.05
CA HIS A 100 20.21 -12.47 -6.09
C HIS A 100 21.56 -12.19 -6.78
N ALA A 101 22.35 -11.36 -6.14
CA ALA A 101 23.76 -11.19 -6.49
C ALA A 101 24.46 -12.52 -6.62
N SER A 102 25.43 -12.57 -7.53
CA SER A 102 26.47 -13.59 -7.48
C SER A 102 27.66 -12.92 -6.84
N CYS A 103 28.50 -13.65 -6.09
CA CYS A 103 29.81 -13.08 -5.72
C CYS A 103 30.76 -13.43 -6.82
N PRO A 104 31.58 -12.45 -7.19
CA PRO A 104 32.54 -12.67 -8.24
C PRO A 104 33.71 -13.55 -7.71
N PRO A 105 34.70 -13.82 -8.58
CA PRO A 105 35.86 -14.56 -8.11
C PRO A 105 36.70 -13.82 -7.10
N GLY A 106 37.40 -14.59 -6.27
CA GLY A 106 38.01 -14.03 -5.05
C GLY A 106 37.05 -13.50 -4.00
N ALA A 107 35.74 -13.69 -4.24
CA ALA A 107 34.68 -13.53 -3.23
C ALA A 107 33.80 -14.79 -3.13
N GLY A 108 33.32 -14.98 -1.91
CA GLY A 108 32.43 -16.08 -1.58
C GLY A 108 31.26 -15.67 -0.69
N VAL A 109 30.27 -16.56 -0.68
CA VAL A 109 28.98 -16.29 -0.10
C VAL A 109 29.04 -16.57 1.38
N ILE A 110 28.96 -15.54 2.20
CA ILE A 110 28.76 -15.71 3.66
C ILE A 110 27.30 -15.89 4.11
N ALA A 111 26.36 -15.71 3.19
CA ALA A 111 24.94 -15.81 3.48
C ALA A 111 24.22 -15.73 2.16
N PRO A 112 23.38 -16.70 1.83
CA PRO A 112 22.69 -16.60 0.55
C PRO A 112 21.52 -15.60 0.57
N GLY A 113 20.86 -15.53 -0.55
CA GLY A 113 19.82 -14.56 -0.71
C GLY A 113 18.58 -15.24 -0.23
N THR A 114 17.83 -14.56 0.61
CA THR A 114 16.56 -15.05 1.04
C THR A 114 15.52 -14.34 0.21
N PRO A 115 14.28 -14.63 0.47
CA PRO A 115 13.28 -13.81 -0.11
C PRO A 115 13.32 -12.35 0.33
N SER A 116 13.83 -12.09 1.52
CA SER A 116 13.89 -10.72 2.00
C SER A 116 15.25 -10.03 1.82
N GLN A 117 16.31 -10.71 1.37
CA GLN A 117 17.66 -10.10 1.27
C GLN A 117 18.56 -10.57 0.15
N ASN A 118 19.55 -9.76 -0.18
CA ASN A 118 20.54 -10.27 -1.10
C ASN A 118 21.56 -11.21 -0.51
N THR A 119 22.25 -11.84 -1.45
CA THR A 119 23.51 -12.51 -1.22
C THR A 119 24.45 -11.60 -0.49
N GLN A 120 25.33 -12.17 0.29
CA GLN A 120 26.26 -11.45 1.11
C GLN A 120 27.61 -12.06 0.83
N CYS A 121 28.63 -11.23 0.58
CA CYS A 121 29.89 -11.73 0.12
C CYS A 121 30.99 -11.25 0.98
N GLN A 122 32.07 -12.01 1.05
CA GLN A 122 33.31 -11.48 1.56
C GLN A 122 34.45 -11.75 0.58
N PRO A 123 35.39 -10.80 0.49
CA PRO A 123 36.76 -11.06 0.12
C PRO A 123 37.29 -12.37 0.70
N CYS A 124 37.68 -13.34 -0.13
CA CYS A 124 38.12 -14.62 0.43
C CYS A 124 39.26 -14.40 1.36
N PRO A 125 39.20 -14.98 2.53
CA PRO A 125 40.27 -14.65 3.46
C PRO A 125 41.53 -15.47 3.17
N PRO A 126 42.68 -15.00 3.67
CA PRO A 126 43.92 -15.76 3.47
C PRO A 126 43.72 -17.24 3.70
N GLY A 127 44.34 -18.03 2.85
CA GLY A 127 44.26 -19.49 2.99
C GLY A 127 43.11 -20.10 2.22
N THR A 128 42.28 -19.24 1.59
CA THR A 128 41.06 -19.64 0.89
C THR A 128 40.85 -18.89 -0.40
N PHE A 129 40.00 -19.47 -1.24
CA PHE A 129 39.70 -18.91 -2.59
C PHE A 129 38.29 -19.21 -3.18
N SER A 130 37.91 -18.49 -4.24
CA SER A 130 36.69 -18.78 -5.03
C SER A 130 36.96 -18.48 -6.51
N ALA A 131 36.72 -19.48 -7.32
CA ALA A 131 36.99 -19.42 -8.73
C ALA A 131 35.93 -18.72 -9.57
N SER A 132 34.79 -18.35 -8.94
CA SER A 132 33.51 -18.23 -9.68
C SER A 132 32.65 -17.07 -9.30
N SER A 133 31.87 -16.68 -10.32
CA SER A 133 30.71 -15.83 -10.16
C SER A 133 29.62 -16.81 -9.78
N SER A 134 29.32 -16.85 -8.50
CA SER A 134 28.35 -17.76 -7.98
C SER A 134 27.58 -17.07 -6.91
N SER A 135 26.27 -17.18 -7.01
CA SER A 135 25.38 -16.74 -5.96
C SER A 135 25.32 -17.67 -4.74
N SER A 136 25.95 -18.85 -4.82
CA SER A 136 26.03 -19.79 -3.71
C SER A 136 27.41 -20.27 -3.29
N GLU A 137 28.32 -20.51 -4.25
CA GLU A 137 29.67 -20.98 -3.91
C GLU A 137 30.38 -20.02 -2.93
N GLN A 138 30.94 -20.66 -1.91
CA GLN A 138 31.60 -20.00 -0.79
C GLN A 138 33.11 -20.26 -0.80
N CYS A 139 33.84 -19.42 -0.09
CA CYS A 139 35.31 -19.43 -0.14
C CYS A 139 35.78 -20.76 0.42
N GLN A 140 36.66 -21.43 -0.33
CA GLN A 140 37.20 -22.73 0.08
C GLN A 140 38.70 -22.61 0.36
N PRO A 141 39.20 -23.41 1.35
CA PRO A 141 40.61 -23.38 1.67
C PRO A 141 41.41 -23.90 0.49
N HIS A 142 42.55 -23.27 0.21
CA HIS A 142 43.41 -23.69 -0.89
C HIS A 142 43.72 -25.19 -0.73
N ARG A 143 44.30 -25.80 -1.74
CA ARG A 143 44.87 -27.16 -1.58
C ARG A 143 46.24 -27.17 -0.86
N ASN A 144 46.48 -28.24 -0.07
CA ASN A 144 47.78 -28.55 0.63
C ASN A 144 48.81 -29.43 -0.16
N CYS A 145 49.45 -28.78 -1.14
CA CYS A 145 50.53 -29.36 -1.93
C CYS A 145 51.76 -29.85 -1.04
N VAL A 154 53.12 -22.11 -7.57
CA VAL A 154 52.73 -20.69 -7.51
C VAL A 154 51.81 -20.51 -6.29
N PRO A 155 51.90 -19.33 -5.60
CA PRO A 155 51.05 -19.11 -4.41
C PRO A 155 49.58 -18.88 -4.77
N GLY A 156 48.68 -19.62 -4.12
CA GLY A 156 47.23 -19.41 -4.26
C GLY A 156 46.81 -17.98 -3.93
N SER A 157 46.08 -17.35 -4.84
CA SER A 157 45.43 -16.06 -4.58
C SER A 157 44.08 -16.38 -3.94
N SER A 158 43.33 -15.33 -3.64
CA SER A 158 41.93 -15.47 -3.30
C SER A 158 41.08 -15.90 -4.53
N SER A 159 41.52 -15.60 -5.74
CA SER A 159 40.75 -16.00 -6.93
C SER A 159 41.12 -17.39 -7.46
N HIS A 160 42.36 -17.80 -7.26
CA HIS A 160 42.89 -18.99 -7.94
C HIS A 160 43.42 -19.88 -6.86
N ASP A 161 43.32 -21.18 -7.09
CA ASP A 161 43.83 -22.14 -6.13
C ASP A 161 45.37 -22.15 -6.18
N THR A 162 46.00 -22.58 -5.08
CA THR A 162 47.45 -22.89 -5.04
C THR A 162 47.75 -24.02 -6.03
N LEU A 163 48.82 -23.85 -6.80
CA LEU A 163 49.19 -24.78 -7.90
C LEU A 163 50.42 -25.66 -7.58
N CYS A 164 50.37 -26.89 -8.07
CA CYS A 164 51.34 -27.95 -7.77
C CYS A 164 52.35 -28.13 -8.91
N LEU B 15 -28.86 21.13 -3.87
CA LEU B 15 -27.50 21.72 -4.12
C LEU B 15 -26.44 20.66 -4.23
N ARG B 16 -25.74 20.68 -5.38
CA ARG B 16 -24.74 19.68 -5.76
C ARG B 16 -23.73 19.38 -4.63
N LYS B 17 -23.47 18.10 -4.40
CA LYS B 17 -22.60 17.71 -3.31
C LYS B 17 -21.22 17.80 -3.89
N VAL B 18 -20.34 18.57 -3.28
CA VAL B 18 -19.08 18.91 -3.95
C VAL B 18 -17.98 19.34 -3.00
N ALA B 19 -16.73 19.09 -3.37
CA ALA B 19 -15.59 19.54 -2.59
C ALA B 19 -14.40 19.76 -3.45
N HIS B 20 -13.71 20.82 -3.12
CA HIS B 20 -12.41 21.05 -3.62
C HIS B 20 -11.57 21.52 -2.42
N LEU B 21 -10.70 20.63 -1.93
CA LEU B 21 -9.82 21.00 -0.84
C LEU B 21 -8.44 21.30 -1.36
N THR B 22 -7.78 22.23 -0.69
CA THR B 22 -6.50 22.71 -1.11
C THR B 22 -5.48 22.55 -0.02
N GLY B 23 -4.21 22.54 -0.42
CA GLY B 23 -3.10 22.33 0.50
C GLY B 23 -3.04 23.24 1.71
N LYS B 24 -2.42 22.75 2.77
CA LYS B 24 -2.39 23.42 4.06
C LYS B 24 -1.04 23.10 4.71
N SER B 25 -0.22 24.18 4.85
CA SER B 25 1.12 24.20 5.52
C SER B 25 1.94 22.90 5.48
N SER B 27 1.06 21.25 9.17
CA SER B 27 0.94 20.04 10.00
C SER B 27 1.88 18.92 9.55
N ARG B 28 2.08 17.94 10.44
CA ARG B 28 2.99 16.75 10.24
C ARG B 28 2.29 15.39 10.13
N SER B 29 0.99 15.41 9.84
CA SER B 29 0.19 14.20 9.94
C SER B 29 0.04 13.43 8.62
N MET B 30 -0.02 12.11 8.73
CA MET B 30 -0.64 11.23 7.72
C MET B 30 -1.96 10.66 8.23
N PRO B 31 -3.05 10.75 7.47
CA PRO B 31 -3.18 11.49 6.22
C PRO B 31 -3.00 13.03 6.29
N LEU B 32 -2.94 13.63 5.11
CA LEU B 32 -2.82 15.06 4.94
C LEU B 32 -4.05 15.73 5.42
N GLU B 33 -3.90 17.01 5.67
CA GLU B 33 -4.99 17.81 6.08
C GLU B 33 -5.08 18.96 5.13
N TRP B 34 -6.28 19.50 5.02
CA TRP B 34 -6.61 20.38 3.92
C TRP B 34 -7.28 21.65 4.36
N GLU B 35 -7.10 22.70 3.54
CA GLU B 35 -7.89 23.89 3.66
C GLU B 35 -9.24 23.59 3.01
N HIS B 36 -10.31 24.01 3.66
CA HIS B 36 -11.66 23.83 3.13
C HIS B 36 -12.55 25.04 3.11
N GLU B 37 -12.08 26.23 3.54
CA GLU B 37 -12.90 27.46 3.35
C GLU B 37 -12.26 28.51 2.48
N LEU B 38 -11.00 28.80 2.71
CA LEU B 38 -10.43 29.96 2.12
C LEU B 38 -9.94 29.78 0.70
N GLY B 39 -10.08 30.84 -0.07
CA GLY B 39 -9.51 30.86 -1.40
C GLY B 39 -10.30 30.00 -2.34
N LEU B 40 -9.60 29.13 -3.03
CA LEU B 40 -10.21 28.23 -4.00
C LEU B 40 -10.94 26.98 -3.41
N ALA B 41 -10.90 26.83 -2.10
CA ALA B 41 -11.63 25.76 -1.45
C ALA B 41 -13.15 25.88 -1.63
N LEU B 42 -13.81 24.74 -1.59
CA LEU B 42 -15.26 24.55 -1.71
C LEU B 42 -15.57 23.36 -0.87
N LEU B 43 -16.75 23.37 -0.31
CA LEU B 43 -17.23 22.24 0.46
C LEU B 43 -18.75 22.34 0.57
N SER B 44 -19.52 21.53 -0.14
CA SER B 44 -20.95 21.75 -0.17
C SER B 44 -21.70 20.45 -0.16
N GLY B 45 -22.19 20.11 1.03
CA GLY B 45 -23.04 18.94 1.24
C GLY B 45 -22.21 17.71 1.47
N VAL B 46 -21.06 17.92 2.10
CA VAL B 46 -20.03 16.92 2.29
C VAL B 46 -19.22 17.53 3.43
N LYS B 47 -18.61 16.70 4.27
CA LYS B 47 -17.96 17.20 5.50
C LYS B 47 -16.47 16.92 5.49
N TYR B 48 -15.73 17.77 6.16
CA TYR B 48 -14.33 17.55 6.35
C TYR B 48 -14.11 17.24 7.82
N LYS B 49 -13.42 16.16 8.14
CA LYS B 49 -13.14 15.82 9.53
C LYS B 49 -11.81 15.14 9.61
N LYS B 50 -10.88 15.78 10.33
CA LYS B 50 -9.54 15.30 10.62
C LYS B 50 -8.82 14.80 9.37
N GLY B 51 -8.79 15.63 8.34
CA GLY B 51 -8.16 15.28 7.04
C GLY B 51 -9.02 14.61 5.98
N GLY B 52 -10.26 14.26 6.31
CA GLY B 52 -11.08 13.38 5.51
C GLY B 52 -12.34 14.04 5.02
N LEU B 53 -12.80 13.63 3.84
CA LEU B 53 -14.08 14.05 3.33
C LEU B 53 -15.02 12.96 3.71
N VAL B 54 -16.18 13.35 4.20
CA VAL B 54 -17.12 12.42 4.81
C VAL B 54 -18.41 12.41 3.99
N ILE B 55 -18.59 11.30 3.29
CA ILE B 55 -19.68 11.10 2.39
C ILE B 55 -20.90 10.98 3.19
N ASN B 56 -21.92 11.72 2.80
CA ASN B 56 -23.20 11.59 3.45
C ASN B 56 -24.39 11.35 2.52
N GLU B 57 -24.18 10.77 1.35
CA GLU B 57 -25.28 10.26 0.55
C GLU B 57 -24.74 9.18 -0.33
N THR B 58 -25.12 7.94 -0.08
CA THR B 58 -24.66 6.87 -0.96
C THR B 58 -24.88 7.31 -2.40
N GLY B 59 -23.91 6.99 -3.26
CA GLY B 59 -23.96 7.39 -4.68
C GLY B 59 -22.69 7.25 -5.47
N LEU B 60 -22.77 7.68 -6.72
CA LEU B 60 -21.60 7.76 -7.57
C LEU B 60 -20.96 9.14 -7.48
N TYR B 61 -19.64 9.13 -7.30
CA TYR B 61 -18.85 10.35 -7.25
C TYR B 61 -17.58 10.20 -8.09
N PHE B 62 -17.21 11.29 -8.76
CA PHE B 62 -15.87 11.45 -9.32
C PHE B 62 -15.01 12.05 -8.25
N VAL B 63 -13.84 11.47 -8.03
CA VAL B 63 -12.93 11.86 -6.96
C VAL B 63 -11.57 12.13 -7.58
N TYR B 64 -10.87 13.16 -7.13
CA TYR B 64 -9.58 13.52 -7.74
C TYR B 64 -8.58 14.13 -6.75
N SER B 65 -7.30 13.95 -7.00
CA SER B 65 -6.29 14.64 -6.24
C SER B 65 -5.08 14.85 -7.10
N LYS B 66 -4.49 16.02 -6.97
CA LYS B 66 -3.19 16.32 -7.50
C LYS B 66 -2.28 16.61 -6.32
N VAL B 67 -1.06 16.09 -6.32
CA VAL B 67 -0.08 16.66 -5.40
C VAL B 67 1.25 16.92 -6.10
N TYR B 68 1.81 18.07 -5.74
CA TYR B 68 3.00 18.61 -6.32
C TYR B 68 4.21 18.36 -5.39
N PHE B 69 5.17 17.59 -5.87
CA PHE B 69 6.38 17.37 -5.17
C PHE B 69 7.52 18.19 -5.74
N ARG B 70 8.49 18.53 -4.88
CA ARG B 70 9.64 19.35 -5.26
C ARG B 70 10.70 19.21 -4.22
N GLY B 71 11.96 19.43 -4.62
CA GLY B 71 13.12 19.38 -3.74
C GLY B 71 14.31 20.07 -4.38
N GLN B 72 15.20 20.64 -3.56
CA GLN B 72 16.53 21.14 -4.03
C GLN B 72 17.42 20.07 -4.62
N SER B 73 17.50 18.91 -4.00
CA SER B 73 18.49 17.96 -4.41
C SER B 73 17.92 16.59 -4.62
N CYS B 74 17.86 16.20 -5.88
CA CYS B 74 17.22 14.99 -6.26
C CYS B 74 17.94 13.88 -5.63
N ASN B 75 17.19 13.02 -4.97
CA ASN B 75 17.76 11.75 -4.57
C ASN B 75 16.87 10.53 -4.84
N ASN B 76 15.89 10.72 -5.71
CA ASN B 76 14.95 9.70 -6.09
C ASN B 76 14.30 8.92 -4.98
N LEU B 77 14.03 9.57 -3.87
CA LEU B 77 13.15 8.94 -2.91
C LEU B 77 11.84 8.57 -3.57
N PRO B 78 11.37 7.37 -3.28
CA PRO B 78 10.12 6.98 -3.89
C PRO B 78 8.96 7.80 -3.42
N LEU B 79 8.19 8.26 -4.39
CA LEU B 79 7.05 9.09 -4.14
C LEU B 79 5.83 8.26 -4.33
N SER B 80 4.88 8.35 -3.41
CA SER B 80 3.68 7.58 -3.45
C SER B 80 2.53 8.56 -3.20
N HIS B 81 1.39 8.37 -3.85
CA HIS B 81 0.27 9.29 -3.70
C HIS B 81 -0.97 8.41 -3.73
N LYS B 82 -1.81 8.48 -2.71
CA LYS B 82 -2.84 7.51 -2.50
C LYS B 82 -4.09 8.25 -2.16
N VAL B 83 -5.21 7.90 -2.78
CA VAL B 83 -6.52 8.12 -2.23
C VAL B 83 -7.05 6.82 -1.65
N TYR B 84 -7.57 6.90 -0.43
CA TYR B 84 -8.12 5.72 0.25
C TYR B 84 -9.36 6.03 1.09
N MET B 85 -10.04 4.96 1.46
CA MET B 85 -11.28 5.07 2.16
C MET B 85 -11.18 4.31 3.44
N ARG B 86 -11.81 4.85 4.50
CA ARG B 86 -12.21 4.06 5.68
C ARG B 86 -13.64 4.26 6.16
N ASN B 87 -14.20 3.19 6.75
CA ASN B 87 -15.32 3.28 7.68
C ASN B 87 -15.22 2.26 8.86
N SER B 88 -16.27 2.31 9.66
CA SER B 88 -16.55 1.43 10.79
C SER B 88 -16.81 -0.03 10.41
N LYS B 89 -17.38 -0.21 9.25
CA LYS B 89 -17.82 -1.50 8.83
C LYS B 89 -16.71 -2.49 8.77
N TYR B 90 -15.47 -2.07 8.66
CA TYR B 90 -14.30 -2.98 8.59
C TYR B 90 -13.13 -2.16 9.06
N PRO B 91 -12.23 -2.77 9.80
CA PRO B 91 -11.21 -1.97 10.46
C PRO B 91 -9.92 -1.92 9.60
N GLN B 92 -10.01 -1.39 8.39
CA GLN B 92 -8.83 -1.34 7.53
C GLN B 92 -9.06 -0.48 6.28
N ASP B 93 -8.21 0.53 6.11
CA ASP B 93 -8.05 1.33 4.88
C ASP B 93 -8.31 0.55 3.60
N LEU B 94 -9.04 1.13 2.64
CA LEU B 94 -9.15 0.56 1.30
C LEU B 94 -8.66 1.61 0.28
N VAL B 95 -7.66 1.24 -0.51
CA VAL B 95 -7.10 2.14 -1.51
C VAL B 95 -7.84 2.10 -2.83
N MET B 96 -8.22 3.32 -3.23
CA MET B 96 -8.98 3.58 -4.42
C MET B 96 -8.15 3.95 -5.64
N MET B 97 -7.12 4.78 -5.47
CA MET B 97 -6.25 5.23 -6.55
C MET B 97 -4.87 5.45 -6.01
N GLU B 98 -3.85 5.27 -6.80
CA GLU B 98 -2.53 5.39 -6.26
C GLU B 98 -1.58 5.67 -7.38
N GLY B 99 -0.64 6.56 -7.19
CA GLY B 99 0.50 6.65 -8.07
C GLY B 99 1.80 6.46 -7.32
N LYS B 100 2.83 5.96 -7.99
CA LYS B 100 4.17 5.86 -7.42
C LYS B 100 5.09 6.43 -8.48
N MET B 101 6.14 7.12 -8.05
CA MET B 101 7.17 7.60 -8.96
C MET B 101 8.53 7.18 -8.43
N MET B 102 9.36 6.56 -9.29
CA MET B 102 10.73 6.23 -8.96
C MET B 102 11.63 6.57 -10.16
N SER B 103 12.80 7.14 -9.87
CA SER B 103 13.78 7.49 -10.91
C SER B 103 13.22 8.56 -11.79
N TYR B 104 12.89 9.67 -11.15
CA TYR B 104 12.08 10.74 -11.75
C TYR B 104 12.89 12.04 -11.81
N CYS B 105 14.02 12.14 -11.14
CA CYS B 105 14.83 13.33 -11.33
C CYS B 105 16.24 12.89 -11.50
N THR B 106 17.03 13.77 -12.09
CA THR B 106 18.46 13.53 -12.20
C THR B 106 19.14 13.80 -10.87
N THR B 107 19.83 12.79 -10.35
CA THR B 107 20.33 12.86 -8.99
C THR B 107 21.13 14.11 -8.77
N GLY B 108 20.88 14.77 -7.64
CA GLY B 108 21.55 16.02 -7.30
C GLY B 108 20.86 17.30 -7.70
N GLN B 109 19.97 17.28 -8.70
CA GLN B 109 19.32 18.49 -9.25
C GLN B 109 18.10 18.97 -8.48
N MET B 110 17.74 20.25 -8.65
CA MET B 110 16.43 20.80 -8.21
C MET B 110 15.39 20.11 -9.06
N TRP B 111 14.31 19.69 -8.44
CA TRP B 111 13.34 18.98 -9.22
C TRP B 111 11.92 19.31 -8.81
N ALA B 112 10.97 19.02 -9.69
CA ALA B 112 9.55 19.20 -9.36
C ALA B 112 8.72 18.28 -10.23
N ARG B 113 7.72 17.62 -9.68
CA ARG B 113 6.82 16.83 -10.50
C ARG B 113 5.50 16.73 -9.79
N SER B 114 4.40 16.42 -10.52
CA SER B 114 3.09 16.23 -9.83
C SER B 114 2.48 14.88 -10.11
N SER B 115 1.59 14.43 -9.23
CA SER B 115 0.84 13.19 -9.39
C SER B 115 -0.63 13.63 -9.52
N TYR B 116 -1.30 13.11 -10.55
CA TYR B 116 -2.69 13.33 -10.74
C TYR B 116 -3.38 11.98 -10.77
N LEU B 117 -4.44 11.95 -9.96
CA LEU B 117 -5.39 10.88 -9.84
C LEU B 117 -6.79 11.43 -9.96
N GLY B 118 -7.62 10.71 -10.70
CA GLY B 118 -9.02 11.06 -10.82
C GLY B 118 -9.76 9.87 -11.36
N ALA B 119 -10.94 9.57 -10.77
CA ALA B 119 -11.76 8.47 -11.20
C ALA B 119 -13.10 8.45 -10.51
N VAL B 120 -13.98 7.58 -11.00
CA VAL B 120 -15.35 7.37 -10.47
C VAL B 120 -15.47 6.19 -9.53
N PHE B 121 -16.27 6.44 -8.50
CA PHE B 121 -16.50 5.51 -7.43
C PHE B 121 -17.91 5.59 -6.98
N ASN B 122 -18.45 4.40 -6.70
CA ASN B 122 -19.68 4.25 -5.93
C ASN B 122 -19.30 4.30 -4.47
N LEU B 123 -19.93 5.18 -3.70
CA LEU B 123 -19.60 5.35 -2.30
C LEU B 123 -20.82 5.35 -1.45
N THR B 124 -20.66 4.92 -0.21
CA THR B 124 -21.75 4.89 0.74
C THR B 124 -21.66 6.00 1.72
N SER B 125 -22.83 6.40 2.24
CA SER B 125 -22.86 7.26 3.40
C SER B 125 -21.95 6.70 4.46
N ALA B 126 -21.37 7.61 5.24
CA ALA B 126 -20.37 7.31 6.25
C ALA B 126 -18.97 6.94 5.77
N ASP B 127 -18.73 6.98 4.46
CA ASP B 127 -17.38 6.72 3.97
C ASP B 127 -16.52 7.97 4.19
N HIS B 128 -15.33 7.75 4.74
CA HIS B 128 -14.33 8.79 4.95
C HIS B 128 -13.22 8.55 3.91
N LEU B 129 -12.91 9.59 3.12
CA LEU B 129 -11.89 9.49 2.08
C LEU B 129 -10.74 10.33 2.49
N TYR B 130 -9.51 9.89 2.21
CA TYR B 130 -8.29 10.56 2.67
C TYR B 130 -7.23 10.40 1.62
N VAL B 131 -6.27 11.35 1.62
CA VAL B 131 -5.13 11.33 0.73
C VAL B 131 -3.94 11.21 1.59
N ASN B 132 -2.90 10.64 1.03
CA ASN B 132 -1.79 10.18 1.78
C ASN B 132 -0.61 9.96 0.84
N VAL B 133 0.60 9.96 1.37
CA VAL B 133 1.77 10.40 0.62
C VAL B 133 3.06 9.96 1.28
N SER B 134 4.09 9.69 0.50
CA SER B 134 5.33 9.14 1.06
C SER B 134 6.28 10.03 1.78
N GLU B 135 6.42 11.25 1.28
CA GLU B 135 7.49 12.15 1.71
C GLU B 135 6.93 13.49 1.97
N LEU B 136 6.36 13.62 3.15
CA LEU B 136 5.66 14.79 3.44
C LEU B 136 6.55 16.05 3.30
N SER B 137 7.85 15.94 3.56
CA SER B 137 8.77 17.10 3.32
C SER B 137 8.81 17.54 1.88
N LEU B 138 8.57 16.63 0.96
CA LEU B 138 8.64 16.92 -0.45
C LEU B 138 7.41 17.55 -1.04
N VAL B 139 6.36 17.67 -0.25
CA VAL B 139 5.15 18.15 -0.78
C VAL B 139 5.12 19.65 -0.69
N ASN B 140 4.58 20.28 -1.72
CA ASN B 140 4.37 21.71 -1.75
C ASN B 140 2.90 21.98 -1.71
N PHE B 141 2.52 22.92 -0.87
CA PHE B 141 1.12 23.08 -0.51
C PHE B 141 0.41 24.29 -1.08
N GLU B 142 0.91 24.84 -2.17
CA GLU B 142 0.21 25.92 -2.79
C GLU B 142 -1.14 25.44 -3.23
N GLU B 143 -2.13 26.29 -3.11
CA GLU B 143 -3.50 25.92 -3.43
C GLU B 143 -3.79 25.56 -4.86
N SER B 144 -3.03 26.10 -5.81
CA SER B 144 -3.22 25.76 -7.23
C SER B 144 -2.44 24.50 -7.65
N GLN B 145 -1.62 24.02 -6.74
CA GLN B 145 -0.69 22.93 -7.01
C GLN B 145 -1.06 21.60 -6.34
N THR B 146 -1.79 21.65 -5.24
CA THR B 146 -1.96 20.45 -4.45
C THR B 146 -3.38 20.48 -3.94
N PHE B 147 -4.21 19.51 -4.30
CA PHE B 147 -5.61 19.58 -3.98
C PHE B 147 -6.24 18.21 -3.99
N PHE B 148 -7.50 18.17 -3.54
CA PHE B 148 -8.23 16.94 -3.29
C PHE B 148 -9.70 17.30 -3.35
N GLY B 149 -10.45 16.63 -4.21
CA GLY B 149 -11.84 16.97 -4.45
C GLY B 149 -12.71 15.81 -4.89
N LEU B 150 -14.01 16.08 -4.91
CA LEU B 150 -14.96 15.19 -5.53
C LEU B 150 -16.23 15.94 -5.81
N TYR B 151 -17.09 15.29 -6.59
CA TYR B 151 -18.45 15.71 -6.77
C TYR B 151 -19.35 14.50 -7.04
N LYS B 152 -20.59 14.63 -6.59
CA LYS B 152 -21.59 13.64 -6.86
C LYS B 152 -22.03 13.76 -8.27
N LEU B 153 -22.27 12.62 -8.91
CA LEU B 153 -22.73 12.66 -10.28
C LEU B 153 -24.22 12.99 -10.40
NA NA C . 13.19 -2.50 0.93
#